data_6IOU
#
_entry.id   6IOU
#
_cell.length_a   52.670
_cell.length_b   62.320
_cell.length_c   73.170
_cell.angle_alpha   90.00
_cell.angle_beta   105.55
_cell.angle_gamma   90.00
#
_symmetry.space_group_name_H-M   'P 1 21 1'
#
loop_
_entity.id
_entity.type
_entity.pdbx_description
1 polymer 'Methyl-accepting chemotaxis protein'
2 non-polymer SERINE
3 non-polymer 'CALCIUM ION'
4 non-polymer 2-AMINO-2-HYDROXYMETHYL-PROPANE-1,3-DIOL
5 water water
#
_entity_poly.entity_id   1
_entity_poly.type   'polypeptide(L)'
_entity_poly.pdbx_seq_one_letter_code
;GPLGSVREEIESLVQDSLMEMVKGVKNTIESDLASKKGLAQSTTEILQLDPTNKAFAKSVLESPNLKGSFLAIGLGYESD
ATVVENDDGWEPNADYDPRKRPWYVDAKRERKLVVTEPYVDISTKKIIISIGTPVYQQSNFVGAMFYDVELTQLAQLVNS
VNLFDAGYLFITTKDGVTIAHPNAENNGEKFSQFLPNVDLKEGTQRIELDGKYYLVKFAQVPSESWYIGAVVDESIAFAM
VDDLRHSSLIHHHHHH
;
_entity_poly.pdbx_strand_id   A,B
#
loop_
_chem_comp.id
_chem_comp.type
_chem_comp.name
_chem_comp.formula
CA non-polymer 'CALCIUM ION' 'Ca 2'
TRS non-polymer 2-AMINO-2-HYDROXYMETHYL-PROPANE-1,3-DIOL 'C4 H12 N O3 1'
#
# COMPACT_ATOMS: atom_id res chain seq x y z
N GLU A 9 -31.01 -0.79 10.97
CA GLU A 9 -30.66 -0.34 12.31
C GLU A 9 -29.69 0.85 12.26
N ILE A 10 -29.57 1.53 13.40
CA ILE A 10 -28.58 2.57 13.63
C ILE A 10 -27.15 2.21 13.16
N GLU A 11 -26.66 1.02 13.54
CA GLU A 11 -25.26 0.68 13.28
C GLU A 11 -24.93 0.57 11.79
N SER A 12 -25.81 -0.08 11.03
CA SER A 12 -25.57 -0.30 9.61
C SER A 12 -25.37 1.01 8.86
N LEU A 13 -26.21 2.00 9.16
CA LEU A 13 -26.12 3.26 8.43
C LEU A 13 -25.01 4.13 9.00
N VAL A 14 -24.70 3.97 10.29
CA VAL A 14 -23.56 4.71 10.86
C VAL A 14 -22.30 4.32 10.10
N GLN A 15 -22.09 3.03 9.87
CA GLN A 15 -20.93 2.57 9.11
C GLN A 15 -21.05 2.88 7.61
N ASP A 16 -22.26 2.75 7.04
CA ASP A 16 -22.49 3.14 5.65
C ASP A 16 -22.10 4.60 5.42
N SER A 17 -22.53 5.46 6.32
CA SER A 17 -22.26 6.88 6.19
C SER A 17 -20.78 7.17 6.41
N LEU A 18 -20.22 6.58 7.45
CA LEU A 18 -18.80 6.69 7.75
C LEU A 18 -17.99 6.20 6.54
N MET A 19 -18.45 5.13 5.91
CA MET A 19 -17.82 4.60 4.71
C MET A 19 -17.79 5.65 3.61
N GLU A 20 -18.95 6.17 3.23
CA GLU A 20 -19.02 7.16 2.17
C GLU A 20 -18.19 8.42 2.45
N MET A 21 -18.20 8.87 3.69
CA MET A 21 -17.43 10.06 4.03
C MET A 21 -15.92 9.85 3.90
N VAL A 22 -15.42 8.72 4.39
CA VAL A 22 -14.00 8.41 4.30
C VAL A 22 -13.61 8.25 2.83
N LYS A 23 -14.45 7.61 2.03
CA LYS A 23 -14.12 7.44 0.62
C LYS A 23 -14.02 8.81 -0.06
N GLY A 24 -14.86 9.75 0.37
CA GLY A 24 -14.83 11.09 -0.17
C GLY A 24 -13.52 11.80 0.17
N VAL A 25 -13.09 11.65 1.43
CA VAL A 25 -11.82 12.20 1.89
C VAL A 25 -10.65 11.55 1.15
N LYS A 26 -10.74 10.23 0.95
CA LYS A 26 -9.73 9.51 0.21
C LYS A 26 -9.56 10.09 -1.21
N ASN A 27 -10.66 10.34 -1.91
CA ASN A 27 -10.61 10.92 -3.24
C ASN A 27 -10.05 12.35 -3.24
N THR A 28 -10.39 13.11 -2.20
CA THR A 28 -9.87 14.46 -2.02
C THR A 28 -8.36 14.42 -1.87
N ILE A 29 -7.84 13.51 -1.04
CA ILE A 29 -6.40 13.44 -0.83
C ILE A 29 -5.70 12.96 -2.11
N GLU A 30 -6.30 12.01 -2.81
CA GLU A 30 -5.69 11.48 -4.03
C GLU A 30 -5.59 12.57 -5.06
N SER A 31 -6.67 13.34 -5.25
CA SER A 31 -6.66 14.44 -6.20
C SER A 31 -5.63 15.52 -5.87
N ASP A 32 -5.51 15.84 -4.59
CA ASP A 32 -4.57 16.86 -4.19
C ASP A 32 -3.12 16.41 -4.42
N LEU A 33 -2.84 15.17 -4.05
CA LEU A 33 -1.57 14.55 -4.37
C LEU A 33 -1.30 14.47 -5.89
N ALA A 34 -2.32 14.10 -6.67
CA ALA A 34 -2.16 14.04 -8.13
C ALA A 34 -1.81 15.42 -8.65
N SER A 35 -2.42 16.44 -8.07
CA SER A 35 -2.14 17.81 -8.48
C SER A 35 -0.68 18.21 -8.25
N LYS A 36 -0.20 18.00 -7.03
CA LYS A 36 1.18 18.27 -6.65
C LYS A 36 2.20 17.49 -7.53
N LYS A 37 1.94 16.21 -7.74
CA LYS A 37 2.80 15.35 -8.54
C LYS A 37 2.86 15.76 -10.00
N GLY A 38 1.72 16.20 -10.52
CA GLY A 38 1.61 16.61 -11.90
C GLY A 38 2.46 17.84 -12.12
N LEU A 39 2.38 18.75 -11.16
CA LEU A 39 3.19 19.95 -11.24
C LEU A 39 4.68 19.62 -11.11
N ALA A 40 5.01 18.68 -10.22
CA ALA A 40 6.40 18.25 -10.01
C ALA A 40 6.95 17.54 -11.25
N GLN A 41 6.15 16.66 -11.83
CA GLN A 41 6.58 15.89 -12.99
C GLN A 41 6.85 16.80 -14.19
N SER A 42 5.95 17.74 -14.47
CA SER A 42 6.12 18.65 -15.61
C SER A 42 7.30 19.61 -15.43
N THR A 43 7.47 20.16 -14.23
CA THR A 43 8.63 21.01 -13.94
C THR A 43 9.94 20.23 -14.20
N THR A 44 9.98 18.98 -13.72
CA THR A 44 11.13 18.12 -13.89
C THR A 44 11.41 17.83 -15.37
N GLU A 45 10.37 17.47 -16.12
CA GLU A 45 10.49 17.21 -17.55
C GLU A 45 10.92 18.50 -18.27
N ILE A 46 10.38 19.63 -17.87
CA ILE A 46 10.79 20.87 -18.54
C ILE A 46 12.27 21.16 -18.25
N LEU A 47 12.71 20.95 -17.02
CA LEU A 47 14.12 21.14 -16.67
C LEU A 47 15.05 20.19 -17.40
N GLN A 48 14.55 18.98 -17.68
CA GLN A 48 15.30 17.98 -18.45
C GLN A 48 15.61 18.44 -19.87
N LEU A 49 14.99 19.51 -20.33
CA LEU A 49 15.34 20.06 -21.64
C LEU A 49 16.76 20.62 -21.64
N ASP A 50 17.29 20.92 -20.45
CA ASP A 50 18.67 21.42 -20.30
C ASP A 50 19.06 21.46 -18.82
N PRO A 51 19.16 20.26 -18.19
CA PRO A 51 19.18 20.15 -16.73
C PRO A 51 20.45 20.69 -16.05
N THR A 52 21.54 20.78 -16.80
CA THR A 52 22.80 21.24 -16.24
C THR A 52 22.92 22.77 -16.27
N ASN A 53 21.99 23.42 -16.95
CA ASN A 53 21.98 24.87 -17.04
C ASN A 53 21.38 25.49 -15.77
N LYS A 54 22.25 25.86 -14.83
CA LYS A 54 21.81 26.26 -13.50
C LYS A 54 21.02 27.56 -13.52
N ALA A 55 21.28 28.42 -14.50
CA ALA A 55 20.56 29.68 -14.63
C ALA A 55 19.11 29.45 -15.05
N PHE A 56 18.94 28.57 -16.03
CA PHE A 56 17.61 28.08 -16.45
C PHE A 56 16.84 27.50 -15.26
N ALA A 57 17.44 26.54 -14.58
CA ALA A 57 16.85 25.92 -13.39
C ALA A 57 16.39 26.96 -12.38
N LYS A 58 17.26 27.95 -12.13
CA LYS A 58 16.98 28.99 -11.14
C LYS A 58 15.77 29.85 -11.51
N SER A 59 15.71 30.29 -12.77
CA SER A 59 14.54 31.03 -13.25
C SER A 59 13.23 30.24 -13.16
N VAL A 60 13.30 28.93 -13.40
CA VAL A 60 12.09 28.12 -13.37
C VAL A 60 11.60 27.99 -11.93
N LEU A 61 12.52 27.63 -11.03
CA LEU A 61 12.15 27.41 -9.64
C LEU A 61 11.72 28.69 -8.92
N GLU A 62 12.11 29.85 -9.46
CA GLU A 62 11.71 31.14 -8.91
C GLU A 62 10.43 31.70 -9.57
N SER A 63 9.96 31.06 -10.64
CA SER A 63 8.73 31.52 -11.27
C SER A 63 7.58 31.44 -10.25
N PRO A 64 6.81 32.52 -10.17
CA PRO A 64 5.92 32.74 -9.01
C PRO A 64 4.86 31.66 -8.81
N ASN A 65 4.16 31.21 -9.83
CA ASN A 65 3.12 30.23 -9.50
C ASN A 65 3.69 28.94 -8.92
N LEU A 66 4.78 28.48 -9.51
CA LEU A 66 5.42 27.24 -9.06
C LEU A 66 5.98 27.44 -7.67
N LYS A 67 6.65 28.56 -7.47
CA LYS A 67 7.23 28.88 -6.17
C LYS A 67 6.14 28.90 -5.07
N GLY A 68 4.98 29.44 -5.43
CA GLY A 68 3.88 29.53 -4.47
C GLY A 68 3.20 28.18 -4.25
N SER A 69 3.62 27.14 -4.98
CA SER A 69 2.89 25.87 -4.93
C SER A 69 3.48 24.88 -3.96
N PHE A 70 4.68 25.16 -3.47
CA PHE A 70 5.34 24.24 -2.55
C PHE A 70 6.02 25.06 -1.48
N LEU A 71 6.41 24.40 -0.40
CA LEU A 71 7.19 25.00 0.67
C LEU A 71 8.56 25.48 0.14
N ALA A 72 9.21 24.62 -0.63
CA ALA A 72 10.45 24.97 -1.30
C ALA A 72 10.70 23.97 -2.42
N ILE A 73 11.47 24.40 -3.42
CA ILE A 73 11.83 23.50 -4.50
C ILE A 73 13.33 23.62 -4.77
N GLY A 74 13.96 22.51 -5.12
CA GLY A 74 15.38 22.55 -5.41
C GLY A 74 15.85 21.41 -6.26
N LEU A 75 17.03 21.59 -6.82
CA LEU A 75 17.65 20.62 -7.74
C LEU A 75 19.10 20.38 -7.28
N GLY A 76 19.41 19.13 -6.93
CA GLY A 76 20.76 18.74 -6.56
C GLY A 76 21.43 17.94 -7.67
N TYR A 77 22.71 18.21 -7.89
CA TYR A 77 23.45 17.62 -9.01
C TYR A 77 24.35 16.48 -8.57
N GLU A 78 24.19 15.32 -9.22
CA GLU A 78 25.09 14.18 -9.00
C GLU A 78 26.59 14.49 -9.17
N SER A 79 26.93 15.45 -10.03
CA SER A 79 28.30 15.67 -10.48
C SER A 79 29.16 16.58 -9.60
N ASP A 80 28.52 17.43 -8.79
CA ASP A 80 29.29 18.33 -7.93
C ASP A 80 28.58 18.61 -6.60
N ALA A 81 27.45 17.95 -6.37
CA ALA A 81 26.68 18.09 -5.15
C ALA A 81 26.32 19.54 -4.85
N THR A 82 26.21 20.35 -5.90
CA THR A 82 25.73 21.71 -5.74
C THR A 82 24.19 21.67 -5.77
N VAL A 83 23.58 22.79 -5.40
CA VAL A 83 22.12 22.84 -5.32
C VAL A 83 21.61 24.15 -5.88
N VAL A 84 20.61 24.06 -6.75
CA VAL A 84 19.86 25.24 -7.16
C VAL A 84 18.50 25.16 -6.44
N GLU A 85 18.12 26.21 -5.74
CA GLU A 85 16.86 26.19 -4.98
C GLU A 85 16.22 27.56 -4.81
N ASN A 86 14.94 27.57 -4.43
CA ASN A 86 14.17 28.82 -4.34
C ASN A 86 13.77 29.20 -2.90
N ASP A 87 14.45 28.63 -1.92
CA ASP A 87 14.17 28.95 -0.52
C ASP A 87 14.84 30.27 -0.11
N ASP A 88 14.06 31.35 0.01
CA ASP A 88 14.61 32.66 0.39
C ASP A 88 15.33 32.64 1.74
N GLY A 89 14.96 31.70 2.60
CA GLY A 89 15.50 31.68 3.94
C GLY A 89 16.61 30.69 4.19
N TRP A 90 17.04 29.99 3.15
CA TRP A 90 18.06 28.96 3.30
C TRP A 90 19.06 28.96 2.16
N GLU A 91 20.33 28.87 2.53
CA GLU A 91 21.37 28.64 1.55
C GLU A 91 22.25 27.51 2.11
N PRO A 92 22.33 26.39 1.39
CA PRO A 92 23.10 25.23 1.84
C PRO A 92 24.55 25.60 2.09
N ASN A 93 25.08 25.26 3.25
CA ASN A 93 26.50 25.45 3.54
C ASN A 93 27.33 24.31 2.96
N ALA A 94 28.64 24.34 3.20
CA ALA A 94 29.57 23.42 2.56
C ALA A 94 29.29 21.94 2.85
N ASP A 95 28.86 21.64 4.07
CA ASP A 95 28.68 20.25 4.44
C ASP A 95 27.39 19.62 3.88
N TYR A 96 26.50 20.45 3.34
CA TYR A 96 25.23 19.94 2.81
C TYR A 96 25.45 19.19 1.51
N ASP A 97 25.25 17.88 1.55
CA ASP A 97 25.28 17.07 0.34
C ASP A 97 23.85 16.63 0.02
N PRO A 98 23.27 17.16 -1.05
CA PRO A 98 21.91 16.78 -1.44
C PRO A 98 21.79 15.28 -1.72
N ARG A 99 22.91 14.65 -2.08
CA ARG A 99 22.90 13.25 -2.48
C ARG A 99 22.71 12.30 -1.30
N LYS A 100 22.83 12.83 -0.10
CA LYS A 100 22.57 12.03 1.10
C LYS A 100 21.15 12.25 1.65
N ARG A 101 20.43 13.21 1.12
CA ARG A 101 19.07 13.56 1.59
C ARG A 101 18.01 12.57 1.07
N PRO A 102 16.92 12.38 1.83
CA PRO A 102 16.00 11.29 1.50
C PRO A 102 15.28 11.48 0.17
N TRP A 103 14.94 12.72 -0.19
CA TRP A 103 14.26 12.95 -1.45
C TRP A 103 15.13 12.53 -2.63
N TYR A 104 16.42 12.76 -2.50
CA TYR A 104 17.37 12.44 -3.57
C TYR A 104 17.61 10.93 -3.61
N VAL A 105 17.96 10.38 -2.46
CA VAL A 105 18.17 8.93 -2.29
C VAL A 105 17.00 8.08 -2.83
N ASP A 106 15.77 8.47 -2.49
CA ASP A 106 14.60 7.75 -2.96
C ASP A 106 14.42 7.91 -4.47
N ALA A 107 14.54 9.14 -4.97
CA ALA A 107 14.34 9.38 -6.39
C ALA A 107 15.38 8.61 -7.25
N LYS A 108 16.62 8.55 -6.77
CA LYS A 108 17.65 7.77 -7.47
C LYS A 108 17.36 6.26 -7.43
N ARG A 109 16.89 5.77 -6.28
CA ARG A 109 16.60 4.36 -6.11
C ARG A 109 15.45 3.88 -7.01
N GLU A 110 14.37 4.65 -7.06
CA GLU A 110 13.19 4.23 -7.82
C GLU A 110 13.17 4.69 -9.27
N ARG A 111 13.98 5.70 -9.58
CA ARG A 111 14.08 6.21 -10.95
C ARG A 111 12.71 6.70 -11.46
N LYS A 112 11.92 7.23 -10.53
CA LYS A 112 10.63 7.83 -10.87
C LYS A 112 10.13 8.70 -9.73
N LEU A 113 8.99 9.38 -9.95
CA LEU A 113 8.49 10.30 -8.96
C LEU A 113 8.25 9.51 -7.68
N VAL A 114 8.72 10.06 -6.56
CA VAL A 114 8.52 9.43 -5.25
C VAL A 114 7.98 10.43 -4.23
N VAL A 115 7.25 9.93 -3.23
CA VAL A 115 6.87 10.77 -2.09
C VAL A 115 7.56 10.22 -0.83
N THR A 116 8.38 11.04 -0.20
CA THR A 116 9.21 10.54 0.89
C THR A 116 8.38 10.23 2.13
N GLU A 117 9.03 9.51 3.04
CA GLU A 117 8.58 9.36 4.42
C GLU A 117 8.67 10.74 5.03
N PRO A 118 7.93 10.97 6.12
CA PRO A 118 8.16 12.22 6.82
C PRO A 118 9.62 12.31 7.30
N TYR A 119 10.20 13.51 7.26
CA TYR A 119 11.56 13.72 7.76
C TYR A 119 11.75 15.17 8.18
N VAL A 120 12.86 15.42 8.89
CA VAL A 120 13.17 16.77 9.37
C VAL A 120 13.85 17.61 8.26
N ASP A 121 13.12 18.60 7.75
CA ASP A 121 13.63 19.57 6.78
C ASP A 121 14.87 20.30 7.34
N ILE A 122 15.98 20.35 6.61
CA ILE A 122 17.13 21.12 7.14
C ILE A 122 16.84 22.62 7.09
N SER A 123 15.86 23.02 6.29
CA SER A 123 15.56 24.45 6.17
C SER A 123 14.71 24.95 7.34
N THR A 124 13.47 24.44 7.45
CA THR A 124 12.56 24.95 8.48
C THR A 124 12.68 24.20 9.80
N LYS A 125 13.44 23.11 9.80
CA LYS A 125 13.57 22.20 10.93
C LYS A 125 12.23 21.55 11.31
N LYS A 126 11.22 21.71 10.46
CA LYS A 126 9.91 21.10 10.70
C LYS A 126 9.84 19.74 10.04
N ILE A 127 8.95 18.90 10.57
CA ILE A 127 8.64 17.64 9.92
C ILE A 127 7.87 17.92 8.62
N ILE A 128 8.41 17.44 7.50
CA ILE A 128 7.71 17.55 6.24
C ILE A 128 7.77 16.25 5.45
N ILE A 129 7.12 16.25 4.29
CA ILE A 129 7.42 15.29 3.25
C ILE A 129 7.82 16.07 1.98
N SER A 130 8.51 15.41 1.08
CA SER A 130 8.85 16.00 -0.20
C SER A 130 8.43 15.08 -1.31
N ILE A 131 7.98 15.64 -2.42
CA ILE A 131 7.96 14.87 -3.65
C ILE A 131 9.41 14.91 -4.18
N GLY A 132 9.94 13.77 -4.60
CA GLY A 132 11.28 13.69 -5.15
C GLY A 132 11.21 13.20 -6.59
N THR A 133 12.05 13.74 -7.46
CA THR A 133 12.04 13.27 -8.84
C THR A 133 13.46 13.10 -9.35
N PRO A 134 13.65 12.12 -10.21
CA PRO A 134 14.98 11.97 -10.83
C PRO A 134 15.12 12.91 -12.00
N VAL A 135 16.34 13.35 -12.27
CA VAL A 135 16.58 14.21 -13.42
C VAL A 135 17.56 13.55 -14.37
N TYR A 136 17.13 13.36 -15.62
CA TYR A 136 17.97 12.71 -16.64
C TYR A 136 18.40 13.66 -17.75
N GLN A 137 19.60 13.40 -18.26
CA GLN A 137 20.10 13.99 -19.49
C GLN A 137 20.19 12.83 -20.46
N GLN A 138 19.29 12.81 -21.44
CA GLN A 138 18.94 11.59 -22.16
C GLN A 138 18.80 10.41 -21.17
N SER A 139 19.67 9.40 -21.21
CA SER A 139 19.57 8.31 -20.23
C SER A 139 20.58 8.39 -19.09
N ASN A 140 21.27 9.52 -19.00
CA ASN A 140 22.20 9.76 -17.91
C ASN A 140 21.51 10.39 -16.70
N PHE A 141 21.63 9.77 -15.53
CA PHE A 141 21.09 10.32 -14.29
C PHE A 141 21.96 11.48 -13.85
N VAL A 142 21.41 12.70 -13.89
CA VAL A 142 22.17 13.92 -13.64
C VAL A 142 22.03 14.40 -12.19
N GLY A 143 20.92 14.00 -11.56
CA GLY A 143 20.65 14.41 -10.20
C GLY A 143 19.19 14.20 -9.83
N ALA A 144 18.70 15.00 -8.87
CA ALA A 144 17.33 14.83 -8.39
C ALA A 144 16.76 16.15 -7.86
N MET A 145 15.43 16.19 -7.72
CA MET A 145 14.72 17.37 -7.25
C MET A 145 13.91 17.08 -6.00
N PHE A 146 13.74 18.10 -5.16
CA PHE A 146 12.73 18.06 -4.09
C PHE A 146 11.71 19.15 -4.35
N TYR A 147 10.47 18.84 -4.01
CA TYR A 147 9.36 19.75 -3.95
C TYR A 147 8.75 19.54 -2.57
N ASP A 148 9.04 20.41 -1.63
CA ASP A 148 8.64 20.14 -0.27
C ASP A 148 7.17 20.44 0.01
N VAL A 149 6.54 19.64 0.87
CA VAL A 149 5.14 19.83 1.21
C VAL A 149 4.95 20.08 2.72
N GLU A 150 4.35 21.21 3.07
CA GLU A 150 4.00 21.45 4.47
C GLU A 150 2.80 20.59 4.87
N LEU A 151 2.95 19.82 5.93
CA LEU A 151 1.98 18.82 6.33
C LEU A 151 0.68 19.36 6.96
N THR A 152 0.66 20.59 7.46
CA THR A 152 -0.58 21.05 8.13
C THR A 152 -1.73 21.29 7.16
N GLN A 153 -1.41 21.65 5.94
CA GLN A 153 -2.44 21.76 4.93
C GLN A 153 -3.09 20.40 4.63
N LEU A 154 -2.29 19.34 4.63
CA LEU A 154 -2.84 17.99 4.48
C LEU A 154 -3.80 17.65 5.60
N ALA A 155 -3.47 18.09 6.82
CA ALA A 155 -4.28 17.77 7.99
C ALA A 155 -5.63 18.52 7.95
N GLN A 156 -5.62 19.73 7.42
CA GLN A 156 -6.86 20.47 7.22
C GLN A 156 -7.69 19.76 6.16
N LEU A 157 -7.03 19.38 5.07
CA LEU A 157 -7.72 18.78 3.94
C LEU A 157 -8.36 17.43 4.33
N VAL A 158 -7.59 16.61 5.05
CA VAL A 158 -8.08 15.32 5.44
C VAL A 158 -9.27 15.48 6.41
N ASN A 159 -9.40 16.65 7.03
CA ASN A 159 -10.55 16.91 7.87
C ASN A 159 -11.60 17.78 7.18
N SER A 160 -12.02 17.34 5.99
CA SER A 160 -13.05 18.05 5.23
C SER A 160 -14.40 17.30 5.27
N VAL A 161 -14.48 16.26 6.09
CA VAL A 161 -15.77 15.77 6.50
C VAL A 161 -15.83 15.82 8.01
N ASN A 162 -17.02 15.58 8.51
CA ASN A 162 -17.40 16.01 9.84
C ASN A 162 -17.73 14.87 10.77
N LEU A 163 -17.92 13.70 10.19
CA LEU A 163 -18.06 12.46 10.94
C LEU A 163 -19.06 12.62 12.10
N PHE A 164 -20.22 13.17 11.76
CA PHE A 164 -21.30 13.38 12.70
C PHE A 164 -20.84 14.22 13.88
N ASP A 165 -19.81 15.04 13.66
CA ASP A 165 -19.14 15.80 14.73
C ASP A 165 -18.73 14.86 15.87
N ALA A 166 -18.44 13.61 15.52
CA ALA A 166 -18.08 12.60 16.52
C ALA A 166 -16.60 12.20 16.48
N GLY A 167 -15.80 12.84 15.64
CA GLY A 167 -14.39 12.54 15.65
C GLY A 167 -13.55 13.33 14.68
N TYR A 168 -12.37 12.81 14.36
CA TYR A 168 -11.47 13.51 13.47
C TYR A 168 -10.77 12.54 12.51
N LEU A 169 -10.12 13.11 11.50
CA LEU A 169 -9.31 12.31 10.57
C LEU A 169 -7.84 12.62 10.66
N PHE A 170 -7.04 11.64 10.26
CA PHE A 170 -5.61 11.80 10.13
C PHE A 170 -5.11 10.91 8.99
N ILE A 171 -3.83 11.09 8.66
CA ILE A 171 -3.15 10.30 7.63
C ILE A 171 -1.89 9.65 8.18
N THR A 172 -1.66 8.39 7.81
CA THR A 172 -0.48 7.65 8.25
C THR A 172 0.21 7.05 7.03
N THR A 173 1.49 6.71 7.17
CA THR A 173 2.21 5.90 6.18
C THR A 173 1.78 4.46 6.30
N LYS A 174 2.21 3.61 5.38
CA LYS A 174 1.90 2.18 5.38
C LYS A 174 2.51 1.45 6.57
N ASP A 175 3.44 2.11 7.26
CA ASP A 175 4.07 1.55 8.44
C ASP A 175 3.66 2.26 9.74
N GLY A 176 2.61 3.08 9.69
CA GLY A 176 2.07 3.69 10.89
C GLY A 176 2.72 4.99 11.35
N VAL A 177 3.51 5.63 10.50
CA VAL A 177 4.06 6.92 10.88
C VAL A 177 3.08 8.01 10.45
N THR A 178 2.78 8.93 11.36
CA THR A 178 1.74 9.91 11.09
C THR A 178 2.24 10.89 10.04
N ILE A 179 1.40 11.14 9.05
CA ILE A 179 1.74 12.10 8.00
C ILE A 179 1.05 13.44 8.26
N ALA A 180 -0.19 13.38 8.72
CA ALA A 180 -0.91 14.61 9.02
C ALA A 180 -1.94 14.34 10.11
N HIS A 181 -1.95 15.23 11.09
CA HIS A 181 -2.85 15.12 12.22
C HIS A 181 -3.25 16.54 12.58
N PRO A 182 -4.51 16.74 13.03
CA PRO A 182 -4.92 18.10 13.44
C PRO A 182 -3.91 18.73 14.38
N ASN A 183 -3.32 17.91 15.24
CA ASN A 183 -2.27 18.31 16.14
C ASN A 183 -0.90 17.98 15.57
N ALA A 184 -0.22 18.99 15.02
CA ALA A 184 1.00 18.76 14.21
C ALA A 184 2.15 18.09 14.98
N GLU A 185 2.17 18.23 16.29
CA GLU A 185 3.19 17.56 17.11
C GLU A 185 3.24 16.03 16.85
N ASN A 186 2.13 15.47 16.38
CA ASN A 186 2.05 14.04 16.06
C ASN A 186 2.74 13.63 14.74
N ASN A 187 2.85 14.59 13.81
CA ASN A 187 3.47 14.33 12.52
C ASN A 187 4.85 13.70 12.69
N GLY A 188 5.06 12.53 12.10
CA GLY A 188 6.37 11.90 12.15
C GLY A 188 6.51 10.89 13.27
N GLU A 189 5.49 10.80 14.12
CA GLU A 189 5.45 9.83 15.20
C GLU A 189 4.52 8.67 14.83
N LYS A 190 4.77 7.49 15.40
CA LYS A 190 3.84 6.37 15.29
C LYS A 190 2.47 6.85 15.70
N PHE A 191 1.42 6.43 14.99
CA PHE A 191 0.09 6.92 15.35
C PHE A 191 -0.38 6.27 16.65
N SER A 192 0.30 5.20 17.06
CA SER A 192 0.02 4.49 18.29
C SER A 192 0.15 5.40 19.52
N GLN A 193 0.99 6.42 19.39
CA GLN A 193 1.19 7.39 20.45
C GLN A 193 -0.10 8.11 20.82
N PHE A 194 -0.91 8.47 19.84
CA PHE A 194 -2.19 9.11 20.13
C PHE A 194 -3.39 8.17 19.98
N LEU A 195 -3.14 6.93 19.54
CA LEU A 195 -4.21 5.97 19.25
C LEU A 195 -3.82 4.55 19.62
N PRO A 196 -3.70 4.28 20.93
CA PRO A 196 -3.16 2.98 21.39
C PRO A 196 -4.12 1.82 21.13
N ASN A 197 -3.54 0.63 21.24
CA ASN A 197 -3.98 -0.69 20.71
C ASN A 197 -5.02 -0.65 19.59
N VAL A 198 -4.57 -0.16 18.43
CA VAL A 198 -5.27 -0.30 17.17
C VAL A 198 -4.29 -0.77 16.10
N ASP A 199 -4.64 -1.83 15.37
CA ASP A 199 -3.84 -2.32 14.25
C ASP A 199 -4.01 -1.45 13.01
N LEU A 200 -2.96 -1.34 12.21
CA LEU A 200 -3.08 -0.64 10.93
C LEU A 200 -3.60 -1.57 9.86
N LYS A 201 -4.91 -1.53 9.59
CA LYS A 201 -5.47 -2.35 8.53
C LYS A 201 -6.71 -1.72 7.91
N GLU A 202 -6.90 -1.96 6.62
CA GLU A 202 -8.11 -1.49 5.94
C GLU A 202 -9.37 -1.93 6.65
N GLY A 203 -10.33 -1.02 6.80
CA GLY A 203 -11.61 -1.39 7.35
C GLY A 203 -11.86 -0.73 8.69
N THR A 204 -12.74 -1.35 9.47
CA THR A 204 -13.17 -0.72 10.73
C THR A 204 -12.93 -1.61 11.94
N GLN A 205 -12.22 -1.06 12.92
CA GLN A 205 -12.08 -1.72 14.21
C GLN A 205 -12.82 -0.95 15.28
N ARG A 206 -13.46 -1.71 16.17
CA ARG A 206 -14.19 -1.15 17.30
C ARG A 206 -13.28 -1.25 18.52
N ILE A 207 -12.95 -0.11 19.14
CA ILE A 207 -11.99 -0.14 20.26
C ILE A 207 -12.55 0.43 21.56
N GLU A 208 -11.98 0.00 22.68
CA GLU A 208 -12.29 0.59 23.99
C GLU A 208 -11.07 1.34 24.54
N LEU A 209 -11.23 2.64 24.76
CA LEU A 209 -10.19 3.44 25.40
C LEU A 209 -10.80 4.22 26.56
N ASP A 210 -10.23 4.04 27.75
CA ASP A 210 -10.72 4.60 29.01
C ASP A 210 -12.25 4.64 29.14
N GLY A 211 -12.88 3.47 29.05
CA GLY A 211 -14.29 3.34 29.35
C GLY A 211 -15.28 3.75 28.27
N LYS A 212 -14.80 3.90 27.04
CA LYS A 212 -15.68 4.25 25.92
C LYS A 212 -15.34 3.50 24.64
N TYR A 213 -16.33 3.35 23.78
CA TYR A 213 -16.17 2.61 22.52
C TYR A 213 -16.00 3.54 21.32
N TYR A 214 -14.90 3.36 20.61
CA TYR A 214 -14.64 4.16 19.42
C TYR A 214 -14.56 3.29 18.16
N LEU A 215 -14.88 3.90 17.03
CA LEU A 215 -14.71 3.26 15.74
C LEU A 215 -13.47 3.84 15.03
N VAL A 216 -12.59 2.96 14.59
CA VAL A 216 -11.42 3.41 13.85
C VAL A 216 -11.46 2.81 12.45
N LYS A 217 -11.66 3.68 11.47
CA LYS A 217 -11.72 3.26 10.09
C LYS A 217 -10.45 3.67 9.34
N PHE A 218 -9.89 2.72 8.58
CA PHE A 218 -8.72 2.98 7.74
C PHE A 218 -9.06 2.70 6.29
N ALA A 219 -8.74 3.63 5.41
CA ALA A 219 -8.83 3.40 3.97
C ALA A 219 -7.50 3.79 3.30
N GLN A 220 -6.95 2.89 2.51
CA GLN A 220 -5.68 3.16 1.87
C GLN A 220 -5.77 4.08 0.65
N VAL A 221 -4.75 4.91 0.49
CA VAL A 221 -4.56 5.74 -0.68
C VAL A 221 -3.59 4.99 -1.62
N PRO A 222 -4.12 4.23 -2.60
CA PRO A 222 -3.28 3.31 -3.42
C PRO A 222 -2.05 3.95 -4.07
N SER A 223 -2.11 5.24 -4.39
CA SER A 223 -0.99 5.93 -5.00
C SER A 223 0.26 5.81 -4.14
N GLU A 224 0.15 6.14 -2.86
CA GLU A 224 1.33 6.11 -1.99
C GLU A 224 1.24 5.07 -0.89
N SER A 225 0.14 4.33 -0.87
CA SER A 225 -0.11 3.34 0.20
C SER A 225 -0.17 3.99 1.59
N TRP A 226 -0.42 5.31 1.62
CA TRP A 226 -0.86 6.00 2.84
C TRP A 226 -2.19 5.41 3.28
N TYR A 227 -2.51 5.55 4.56
CA TYR A 227 -3.89 5.27 4.98
C TYR A 227 -4.52 6.55 5.49
N ILE A 228 -5.76 6.79 5.07
CA ILE A 228 -6.61 7.75 5.76
C ILE A 228 -7.18 7.06 7.00
N GLY A 229 -7.03 7.68 8.16
CA GLY A 229 -7.66 7.17 9.37
C GLY A 229 -8.77 8.07 9.88
N ALA A 230 -9.85 7.46 10.35
CA ALA A 230 -10.91 8.21 11.00
C ALA A 230 -11.21 7.58 12.34
N VAL A 231 -11.32 8.44 13.35
CA VAL A 231 -11.68 7.99 14.69
C VAL A 231 -12.99 8.66 15.08
N VAL A 232 -13.95 7.83 15.50
CA VAL A 232 -15.32 8.25 15.78
C VAL A 232 -15.83 7.69 17.11
N ASP A 233 -16.24 8.59 18.00
CA ASP A 233 -16.87 8.21 19.27
C ASP A 233 -18.20 7.53 18.97
N GLU A 234 -18.30 6.22 19.19
CA GLU A 234 -19.49 5.48 18.76
C GLU A 234 -20.80 6.00 19.33
N SER A 235 -20.77 6.46 20.57
CA SER A 235 -22.00 6.94 21.22
C SER A 235 -22.56 8.18 20.55
N ILE A 236 -21.69 9.18 20.38
CA ILE A 236 -22.07 10.43 19.72
C ILE A 236 -22.64 10.14 18.34
N ALA A 237 -21.95 9.28 17.58
CA ALA A 237 -22.38 8.95 16.23
C ALA A 237 -23.77 8.31 16.22
N PHE A 238 -23.97 7.35 17.12
CA PHE A 238 -25.26 6.67 17.19
C PHE A 238 -26.33 7.65 17.64
N ALA A 239 -26.00 8.46 18.66
CA ALA A 239 -26.94 9.44 19.20
C ALA A 239 -27.31 10.52 18.17
N MET A 240 -26.34 11.01 17.40
CA MET A 240 -26.63 12.06 16.42
C MET A 240 -27.46 11.52 15.27
N VAL A 241 -27.10 10.34 14.78
CA VAL A 241 -27.87 9.66 13.75
C VAL A 241 -29.28 9.35 14.25
N ASP A 242 -29.38 8.84 15.47
CA ASP A 242 -30.66 8.40 16.02
C ASP A 242 -31.62 9.54 16.37
N ASP A 243 -31.10 10.75 16.54
CA ASP A 243 -31.96 11.84 16.96
C ASP A 243 -32.42 12.70 15.78
N LEU A 244 -32.19 12.17 14.58
CA LEU A 244 -32.91 12.58 13.39
C LEU A 244 -34.15 11.68 13.33
N ARG A 245 -33.90 10.38 13.52
CA ARG A 245 -34.88 9.35 13.88
C ARG A 245 -35.81 9.83 14.99
N GLU B 9 31.84 -12.37 -17.72
CA GLU B 9 30.93 -11.39 -18.29
C GLU B 9 30.14 -10.64 -17.20
N ILE B 10 29.77 -9.41 -17.49
CA ILE B 10 28.86 -8.68 -16.61
C ILE B 10 27.47 -9.34 -16.60
N GLU B 11 26.96 -9.69 -17.79
CA GLU B 11 25.60 -10.22 -17.86
C GLU B 11 25.48 -11.53 -17.08
N SER B 12 26.49 -12.40 -17.17
CA SER B 12 26.42 -13.70 -16.50
C SER B 12 26.21 -13.54 -15.01
N LEU B 13 27.00 -12.67 -14.37
CA LEU B 13 26.85 -12.51 -12.94
C LEU B 13 25.65 -11.64 -12.59
N VAL B 14 25.23 -10.75 -13.48
CA VAL B 14 23.99 -10.01 -13.25
C VAL B 14 22.84 -11.02 -13.20
N GLN B 15 22.78 -11.93 -14.16
CA GLN B 15 21.76 -12.95 -14.18
C GLN B 15 21.87 -13.88 -12.98
N ASP B 16 23.10 -14.23 -12.60
CA ASP B 16 23.33 -15.10 -11.44
C ASP B 16 22.76 -14.50 -10.16
N SER B 17 23.19 -13.30 -9.82
CA SER B 17 22.70 -12.65 -8.60
C SER B 17 21.20 -12.31 -8.64
N LEU B 18 20.70 -11.94 -9.81
CA LEU B 18 19.28 -11.72 -10.00
C LEU B 18 18.52 -12.99 -9.68
N MET B 19 19.05 -14.10 -10.18
CA MET B 19 18.51 -15.42 -9.89
C MET B 19 18.48 -15.67 -8.38
N GLU B 20 19.62 -15.47 -7.72
CA GLU B 20 19.68 -15.66 -6.28
C GLU B 20 18.68 -14.77 -5.54
N MET B 21 18.57 -13.52 -5.96
CA MET B 21 17.67 -12.63 -5.24
C MET B 21 16.22 -13.09 -5.36
N VAL B 22 15.77 -13.41 -6.57
CA VAL B 22 14.41 -13.88 -6.78
C VAL B 22 14.15 -15.18 -6.02
N LYS B 23 15.17 -16.03 -5.91
CA LYS B 23 15.04 -17.27 -5.16
C LYS B 23 14.69 -16.99 -3.71
N GLY B 24 15.44 -16.08 -3.07
CA GLY B 24 15.16 -15.68 -1.71
C GLY B 24 13.74 -15.14 -1.49
N VAL B 25 13.28 -14.32 -2.43
CA VAL B 25 11.93 -13.74 -2.36
C VAL B 25 10.86 -14.82 -2.50
N LYS B 26 11.08 -15.74 -3.44
CA LYS B 26 10.16 -16.85 -3.64
C LYS B 26 10.02 -17.63 -2.35
N ASN B 27 11.13 -17.91 -1.68
CA ASN B 27 11.06 -18.62 -0.41
C ASN B 27 10.37 -17.77 0.69
N THR B 28 10.65 -16.47 0.76
CA THR B 28 9.94 -15.58 1.67
C THR B 28 8.41 -15.59 1.46
N ILE B 29 7.97 -15.59 0.20
CA ILE B 29 6.55 -15.57 -0.08
C ILE B 29 5.92 -16.91 0.28
N GLU B 30 6.64 -18.00 0.02
CA GLU B 30 6.15 -19.31 0.35
C GLU B 30 6.01 -19.49 1.85
N SER B 31 6.97 -18.99 2.62
CA SER B 31 6.91 -19.15 4.05
C SER B 31 5.73 -18.37 4.62
N ASP B 32 5.50 -17.21 4.06
CA ASP B 32 4.44 -16.31 4.51
C ASP B 32 3.08 -16.94 4.25
N LEU B 33 2.90 -17.47 3.04
CA LEU B 33 1.69 -18.17 2.67
C LEU B 33 1.50 -19.40 3.57
N ALA B 34 2.58 -20.16 3.74
CA ALA B 34 2.57 -21.34 4.61
C ALA B 34 2.06 -20.96 6.00
N SER B 35 2.53 -19.83 6.51
CA SER B 35 2.14 -19.40 7.85
C SER B 35 0.63 -19.07 7.91
N LYS B 36 0.16 -18.25 6.98
CA LYS B 36 -1.27 -17.93 6.85
C LYS B 36 -2.13 -19.20 6.71
N LYS B 37 -1.72 -20.09 5.83
CA LYS B 37 -2.48 -21.32 5.62
C LYS B 37 -2.54 -22.19 6.86
N GLY B 38 -1.42 -22.29 7.58
CA GLY B 38 -1.34 -23.13 8.76
C GLY B 38 -2.30 -22.67 9.83
N LEU B 39 -2.33 -21.37 10.04
CA LEU B 39 -3.29 -20.76 10.96
C LEU B 39 -4.75 -20.95 10.49
N ALA B 40 -4.98 -20.84 9.18
CA ALA B 40 -6.33 -21.04 8.64
C ALA B 40 -6.74 -22.50 8.75
N GLN B 41 -5.82 -23.42 8.45
CA GLN B 41 -6.15 -24.85 8.50
C GLN B 41 -6.44 -25.31 9.93
N SER B 42 -5.64 -24.86 10.89
CA SER B 42 -5.84 -25.22 12.29
C SER B 42 -7.13 -24.65 12.87
N THR B 43 -7.42 -23.38 12.59
CA THR B 43 -8.68 -22.78 13.05
C THR B 43 -9.88 -23.60 12.53
N THR B 44 -9.88 -23.87 11.23
CA THR B 44 -10.89 -24.69 10.58
C THR B 44 -11.05 -26.06 11.27
N GLU B 45 -9.92 -26.72 11.51
CA GLU B 45 -9.94 -28.03 12.17
C GLU B 45 -10.49 -27.92 13.59
N ILE B 46 -10.17 -26.81 14.26
CA ILE B 46 -10.70 -26.67 15.62
C ILE B 46 -12.21 -26.43 15.60
N LEU B 47 -12.70 -25.70 14.62
CA LEU B 47 -14.12 -25.41 14.51
C LEU B 47 -14.90 -26.67 14.16
N GLN B 48 -14.25 -27.57 13.42
CA GLN B 48 -14.90 -28.82 13.03
C GLN B 48 -15.21 -29.72 14.24
N LEU B 49 -14.70 -29.36 15.41
CA LEU B 49 -15.02 -30.09 16.63
C LEU B 49 -16.47 -29.84 17.02
N ASP B 50 -17.04 -28.79 16.47
CA ASP B 50 -18.41 -28.37 16.78
C ASP B 50 -18.87 -27.34 15.78
N PRO B 51 -18.88 -27.69 14.49
CA PRO B 51 -18.98 -26.67 13.43
C PRO B 51 -20.30 -25.89 13.40
N THR B 52 -21.37 -26.51 13.87
CA THR B 52 -22.69 -25.87 13.88
C THR B 52 -22.93 -25.01 15.10
N ASN B 53 -22.04 -25.11 16.08
CA ASN B 53 -22.11 -24.28 17.28
C ASN B 53 -21.58 -22.88 16.97
N LYS B 54 -22.50 -22.00 16.60
CA LYS B 54 -22.16 -20.66 16.18
C LYS B 54 -21.60 -19.78 17.30
N ALA B 55 -21.88 -20.11 18.56
CA ALA B 55 -21.31 -19.33 19.66
C ALA B 55 -19.81 -19.67 19.79
N PHE B 56 -19.50 -20.95 19.66
CA PHE B 56 -18.12 -21.44 19.64
C PHE B 56 -17.37 -20.75 18.51
N ALA B 57 -17.92 -20.80 17.30
CA ALA B 57 -17.27 -20.21 16.11
C ALA B 57 -17.03 -18.72 16.31
N LYS B 58 -18.08 -18.01 16.74
CA LYS B 58 -17.96 -16.57 17.04
C LYS B 58 -16.83 -16.26 18.04
N SER B 59 -16.76 -17.04 19.11
CA SER B 59 -15.75 -16.83 20.14
C SER B 59 -14.34 -17.07 19.59
N VAL B 60 -14.21 -18.06 18.70
CA VAL B 60 -12.91 -18.37 18.13
C VAL B 60 -12.45 -17.27 17.18
N LEU B 61 -13.36 -16.81 16.32
CA LEU B 61 -12.98 -15.83 15.31
C LEU B 61 -12.67 -14.46 15.92
N GLU B 62 -13.22 -14.21 17.11
CA GLU B 62 -12.99 -12.96 17.81
C GLU B 62 -11.73 -13.00 18.71
N SER B 63 -11.15 -14.18 18.89
CA SER B 63 -9.99 -14.28 19.77
C SER B 63 -8.86 -13.43 19.17
N PRO B 64 -8.15 -12.68 20.02
CA PRO B 64 -7.36 -11.54 19.53
C PRO B 64 -6.23 -11.88 18.57
N ASN B 65 -5.44 -12.92 18.82
CA ASN B 65 -4.34 -13.16 17.90
C ASN B 65 -4.78 -13.50 16.49
N LEU B 66 -5.76 -14.39 16.40
CA LEU B 66 -6.33 -14.81 15.12
C LEU B 66 -6.94 -13.61 14.41
N LYS B 67 -7.75 -12.86 15.16
CA LYS B 67 -8.39 -11.66 14.63
C LYS B 67 -7.38 -10.69 14.03
N GLY B 68 -6.24 -10.54 14.69
CA GLY B 68 -5.20 -9.63 14.19
C GLY B 68 -4.32 -10.19 13.08
N SER B 69 -4.52 -11.45 12.71
CA SER B 69 -3.70 -12.13 11.70
C SER B 69 -4.24 -12.08 10.29
N PHE B 70 -5.47 -11.58 10.14
CA PHE B 70 -6.15 -11.47 8.85
C PHE B 70 -6.97 -10.19 8.80
N LEU B 71 -7.34 -9.77 7.60
CA LEU B 71 -8.23 -8.64 7.38
C LEU B 71 -9.59 -8.90 8.06
N ALA B 72 -10.11 -10.11 7.86
CA ALA B 72 -11.37 -10.53 8.47
C ALA B 72 -11.49 -12.02 8.29
N ILE B 73 -12.26 -12.64 9.16
CA ILE B 73 -12.48 -14.08 9.10
C ILE B 73 -13.95 -14.35 9.29
N GLY B 74 -14.47 -15.33 8.56
CA GLY B 74 -15.86 -15.69 8.67
C GLY B 74 -16.13 -17.12 8.25
N LEU B 75 -17.33 -17.56 8.59
CA LEU B 75 -17.80 -18.90 8.34
C LEU B 75 -19.25 -18.85 7.80
N GLY B 76 -19.45 -19.34 6.57
CA GLY B 76 -20.76 -19.31 5.94
C GLY B 76 -21.35 -20.71 5.92
N TYR B 77 -22.67 -20.81 6.14
CA TYR B 77 -23.28 -22.12 6.31
C TYR B 77 -24.07 -22.59 5.08
N GLU B 78 -23.89 -23.84 4.71
CA GLU B 78 -24.54 -24.36 3.51
C GLU B 78 -26.08 -24.36 3.61
N SER B 79 -26.59 -24.84 4.75
CA SER B 79 -28.03 -25.00 4.94
C SER B 79 -28.85 -23.70 5.03
N ASP B 80 -28.42 -22.74 5.87
CA ASP B 80 -29.26 -21.57 6.09
C ASP B 80 -28.68 -20.28 5.50
N ALA B 81 -27.51 -20.38 4.88
CA ALA B 81 -26.80 -19.24 4.27
C ALA B 81 -26.46 -18.12 5.27
N THR B 82 -26.35 -18.46 6.55
CA THR B 82 -25.97 -17.45 7.55
C THR B 82 -24.46 -17.31 7.62
N VAL B 83 -24.00 -16.18 8.19
CA VAL B 83 -22.58 -15.92 8.33
C VAL B 83 -22.19 -15.59 9.77
N VAL B 84 -21.17 -16.27 10.27
CA VAL B 84 -20.49 -15.85 11.51
C VAL B 84 -19.14 -15.26 11.09
N GLU B 85 -18.88 -14.01 11.50
CA GLU B 85 -17.67 -13.27 11.09
C GLU B 85 -17.22 -12.25 12.14
N ASN B 86 -15.93 -11.89 12.10
CA ASN B 86 -15.31 -10.99 13.10
C ASN B 86 -15.02 -9.58 12.56
N ASP B 87 -15.69 -9.19 11.49
CA ASP B 87 -15.45 -7.86 10.91
C ASP B 87 -16.24 -6.76 11.65
N ASP B 88 -15.56 -5.90 12.40
CA ASP B 88 -16.27 -4.85 13.15
C ASP B 88 -17.02 -3.87 12.24
N GLY B 89 -16.51 -3.65 11.03
CA GLY B 89 -17.14 -2.70 10.14
C GLY B 89 -18.22 -3.25 9.22
N TRP B 90 -18.43 -4.55 9.22
CA TRP B 90 -19.38 -5.13 8.28
C TRP B 90 -20.33 -6.13 8.92
N GLU B 91 -21.62 -6.00 8.67
CA GLU B 91 -22.57 -7.04 9.05
C GLU B 91 -23.41 -7.42 7.82
N PRO B 92 -23.36 -8.70 7.41
CA PRO B 92 -24.02 -9.23 6.21
C PRO B 92 -25.48 -8.79 6.05
N ASN B 93 -25.79 -8.05 4.99
CA ASN B 93 -27.18 -7.66 4.74
C ASN B 93 -28.00 -8.84 4.15
N ALA B 94 -29.29 -8.63 3.94
CA ALA B 94 -30.19 -9.69 3.50
C ALA B 94 -29.83 -10.22 2.11
N ASP B 95 -29.28 -9.36 1.24
CA ASP B 95 -28.88 -9.77 -0.10
C ASP B 95 -27.65 -10.69 -0.12
N TYR B 96 -26.84 -10.65 0.92
CA TYR B 96 -25.58 -11.40 0.95
C TYR B 96 -25.77 -12.91 1.04
N ASP B 97 -25.22 -13.62 0.07
CA ASP B 97 -25.22 -15.08 0.14
C ASP B 97 -23.78 -15.56 0.15
N PRO B 98 -23.29 -16.06 1.31
CA PRO B 98 -21.90 -16.54 1.35
C PRO B 98 -21.62 -17.63 0.31
N ARG B 99 -22.65 -18.38 -0.06
CA ARG B 99 -22.49 -19.56 -0.92
C ARG B 99 -22.20 -19.19 -2.38
N LYS B 100 -22.44 -17.93 -2.73
CA LYS B 100 -22.12 -17.41 -4.06
C LYS B 100 -20.74 -16.75 -4.16
N ARG B 101 -20.01 -16.71 -3.05
CA ARG B 101 -18.75 -15.96 -2.99
C ARG B 101 -17.57 -16.85 -3.37
N PRO B 102 -16.51 -16.26 -3.98
CA PRO B 102 -15.39 -17.05 -4.50
C PRO B 102 -14.70 -17.92 -3.45
N TRP B 103 -14.46 -17.42 -2.24
CA TRP B 103 -13.82 -18.26 -1.21
C TRP B 103 -14.68 -19.50 -0.93
N TYR B 104 -15.98 -19.32 -0.99
CA TYR B 104 -16.89 -20.40 -0.67
C TYR B 104 -16.95 -21.40 -1.82
N VAL B 105 -17.32 -20.88 -2.98
CA VAL B 105 -17.39 -21.67 -4.21
C VAL B 105 -16.12 -22.51 -4.40
N ASP B 106 -14.95 -21.88 -4.29
CA ASP B 106 -13.67 -22.58 -4.45
C ASP B 106 -13.45 -23.64 -3.37
N ALA B 107 -13.68 -23.30 -2.11
CA ALA B 107 -13.48 -24.29 -1.03
C ALA B 107 -14.36 -25.50 -1.23
N LYS B 108 -15.62 -25.24 -1.60
CA LYS B 108 -16.56 -26.31 -1.88
C LYS B 108 -16.09 -27.18 -3.06
N ARG B 109 -15.64 -26.56 -4.15
CA ARG B 109 -15.29 -27.33 -5.33
C ARG B 109 -14.08 -28.22 -5.08
N GLU B 110 -13.08 -27.71 -4.35
CA GLU B 110 -11.84 -28.45 -4.16
C GLU B 110 -11.81 -29.32 -2.90
N ARG B 111 -12.65 -28.97 -1.93
CA ARG B 111 -12.75 -29.73 -0.68
C ARG B 111 -11.42 -29.72 0.11
N LYS B 112 -10.72 -28.60 0.04
CA LYS B 112 -9.49 -28.40 0.80
C LYS B 112 -9.15 -26.94 0.80
N LEU B 113 -8.08 -26.58 1.51
CA LEU B 113 -7.74 -25.18 1.66
C LEU B 113 -7.41 -24.61 0.29
N VAL B 114 -7.99 -23.46 -0.03
CA VAL B 114 -7.68 -22.80 -1.29
C VAL B 114 -7.36 -21.34 -1.09
N VAL B 115 -6.68 -20.77 -2.08
CA VAL B 115 -6.38 -19.34 -2.10
C VAL B 115 -7.03 -18.76 -3.34
N THR B 116 -8.01 -17.89 -3.15
CA THR B 116 -8.80 -17.40 -4.27
C THR B 116 -7.98 -16.58 -5.26
N GLU B 117 -8.58 -16.35 -6.43
CA GLU B 117 -8.18 -15.30 -7.33
C GLU B 117 -8.41 -13.98 -6.60
N PRO B 118 -7.74 -12.91 -7.04
CA PRO B 118 -8.10 -11.56 -6.58
C PRO B 118 -9.58 -11.29 -6.86
N TYR B 119 -10.26 -10.59 -5.96
CA TYR B 119 -11.65 -10.20 -6.16
C TYR B 119 -11.98 -9.01 -5.29
N VAL B 120 -13.14 -8.41 -5.54
CA VAL B 120 -13.58 -7.25 -4.79
C VAL B 120 -14.28 -7.65 -3.47
N ASP B 121 -13.61 -7.35 -2.35
CA ASP B 121 -14.14 -7.62 -1.02
C ASP B 121 -15.46 -6.86 -0.85
N ILE B 122 -16.52 -7.54 -0.40
CA ILE B 122 -17.77 -6.80 -0.24
C ILE B 122 -17.68 -5.84 0.93
N SER B 123 -16.82 -6.16 1.89
CA SER B 123 -16.69 -5.34 3.09
C SER B 123 -15.93 -4.04 2.81
N THR B 124 -14.65 -4.14 2.48
CA THR B 124 -13.82 -2.97 2.29
C THR B 124 -13.88 -2.43 0.86
N LYS B 125 -14.46 -3.20 -0.04
CA LYS B 125 -14.59 -2.86 -1.47
C LYS B 125 -13.23 -2.74 -2.18
N LYS B 126 -12.19 -3.26 -1.53
CA LYS B 126 -10.84 -3.30 -2.07
C LYS B 126 -10.57 -4.64 -2.73
N ILE B 127 -9.63 -4.65 -3.69
CA ILE B 127 -9.13 -5.92 -4.23
C ILE B 127 -8.37 -6.65 -3.12
N ILE B 128 -8.75 -7.90 -2.88
CA ILE B 128 -8.06 -8.76 -1.92
C ILE B 128 -7.98 -10.17 -2.47
N ILE B 129 -7.34 -11.05 -1.71
CA ILE B 129 -7.51 -12.48 -1.91
C ILE B 129 -7.90 -13.09 -0.58
N SER B 130 -8.44 -14.30 -0.61
CA SER B 130 -8.83 -14.99 0.61
C SER B 130 -8.32 -16.39 0.62
N ILE B 131 -7.95 -16.86 1.80
CA ILE B 131 -7.84 -18.28 2.00
C ILE B 131 -9.27 -18.77 2.25
N GLY B 132 -9.67 -19.82 1.54
CA GLY B 132 -10.96 -20.45 1.73
C GLY B 132 -10.74 -21.84 2.26
N THR B 133 -11.61 -22.29 3.16
CA THR B 133 -11.52 -23.66 3.66
C THR B 133 -12.90 -24.28 3.77
N PRO B 134 -13.02 -25.58 3.49
CA PRO B 134 -14.32 -26.20 3.64
C PRO B 134 -14.53 -26.62 5.08
N VAL B 135 -15.77 -26.73 5.53
CA VAL B 135 -16.05 -27.14 6.90
C VAL B 135 -16.91 -28.41 6.91
N TYR B 136 -16.43 -29.44 7.58
CA TYR B 136 -17.16 -30.70 7.66
C TYR B 136 -17.72 -30.96 9.06
N GLN B 137 -18.89 -31.58 9.09
CA GLN B 137 -19.39 -32.23 10.30
C GLN B 137 -19.48 -33.72 10.03
N GLN B 138 -18.67 -34.47 10.75
CA GLN B 138 -18.46 -35.86 10.42
C GLN B 138 -18.07 -35.92 8.95
N SER B 139 -18.87 -36.57 8.14
CA SER B 139 -18.50 -36.63 6.74
C SER B 139 -19.27 -35.68 5.83
N ASN B 140 -20.18 -34.84 6.33
CA ASN B 140 -20.79 -33.96 5.35
C ASN B 140 -20.30 -32.52 5.44
N PHE B 141 -20.29 -31.90 4.27
CA PHE B 141 -19.87 -30.53 4.08
C PHE B 141 -20.92 -29.61 4.67
N VAL B 142 -20.50 -28.80 5.63
CA VAL B 142 -21.41 -28.02 6.45
C VAL B 142 -21.42 -26.54 6.04
N GLY B 143 -20.33 -26.12 5.42
CA GLY B 143 -20.17 -24.74 5.01
C GLY B 143 -18.73 -24.47 4.63
N ALA B 144 -18.36 -23.19 4.58
CA ALA B 144 -16.96 -22.86 4.33
C ALA B 144 -16.57 -21.59 5.07
N MET B 145 -15.26 -21.32 5.11
CA MET B 145 -14.67 -20.16 5.77
C MET B 145 -13.91 -19.30 4.79
N PHE B 146 -13.82 -18.00 5.08
CA PHE B 146 -12.87 -17.10 4.46
C PHE B 146 -11.92 -16.51 5.51
N TYR B 147 -10.66 -16.33 5.10
CA TYR B 147 -9.64 -15.61 5.84
C TYR B 147 -9.05 -14.62 4.85
N ASP B 148 -9.45 -13.37 4.96
CA ASP B 148 -9.10 -12.37 3.97
C ASP B 148 -7.69 -11.85 4.18
N VAL B 149 -7.00 -11.64 3.07
CA VAL B 149 -5.62 -11.16 3.10
C VAL B 149 -5.47 -9.82 2.36
N GLU B 150 -4.93 -8.81 3.05
CA GLU B 150 -4.69 -7.52 2.42
C GLU B 150 -3.44 -7.62 1.52
N LEU B 151 -3.57 -7.21 0.27
CA LEU B 151 -2.50 -7.40 -0.71
C LEU B 151 -1.31 -6.44 -0.58
N THR B 152 -1.46 -5.34 0.14
CA THR B 152 -0.36 -4.38 0.22
C THR B 152 0.81 -4.91 1.06
N GLN B 153 0.51 -5.75 2.04
CA GLN B 153 1.58 -6.43 2.76
C GLN B 153 2.42 -7.30 1.83
N LEU B 154 1.73 -8.04 0.96
CA LEU B 154 2.40 -8.94 0.01
C LEU B 154 3.33 -8.17 -0.90
N ALA B 155 2.86 -7.00 -1.38
CA ALA B 155 3.67 -6.12 -2.21
C ALA B 155 4.96 -5.67 -1.49
N GLN B 156 4.85 -5.31 -0.21
CA GLN B 156 6.02 -4.99 0.62
C GLN B 156 6.96 -6.18 0.71
N LEU B 157 6.40 -7.35 1.05
CA LEU B 157 7.20 -8.55 1.25
C LEU B 157 7.95 -8.96 -0.01
N VAL B 158 7.28 -8.87 -1.16
CA VAL B 158 7.89 -9.32 -2.40
C VAL B 158 9.02 -8.36 -2.81
N ASN B 159 8.98 -7.15 -2.24
CA ASN B 159 10.01 -6.16 -2.49
C ASN B 159 10.98 -6.10 -1.32
N SER B 160 11.46 -7.27 -0.90
CA SER B 160 12.41 -7.36 0.20
C SER B 160 13.84 -7.56 -0.31
N VAL B 161 14.03 -7.51 -1.62
CA VAL B 161 15.36 -7.43 -2.19
C VAL B 161 15.39 -6.19 -3.07
N ASN B 162 16.58 -5.69 -3.38
CA ASN B 162 16.72 -4.39 -4.02
C ASN B 162 17.05 -4.39 -5.51
N LEU B 163 17.45 -5.54 -6.03
CA LEU B 163 17.69 -5.68 -7.46
C LEU B 163 18.66 -4.63 -8.00
N PHE B 164 19.75 -4.37 -7.26
CA PHE B 164 20.78 -3.40 -7.67
C PHE B 164 20.17 -2.04 -7.90
N ASP B 165 19.08 -1.78 -7.19
CA ASP B 165 18.34 -0.53 -7.28
C ASP B 165 17.93 -0.24 -8.72
N ALA B 166 17.71 -1.30 -9.49
CA ALA B 166 17.42 -1.17 -10.92
C ALA B 166 15.97 -1.45 -11.30
N GLY B 167 15.17 -1.91 -10.33
CA GLY B 167 13.75 -2.07 -10.56
C GLY B 167 12.98 -2.50 -9.34
N TYR B 168 11.97 -3.34 -9.54
CA TYR B 168 11.05 -3.73 -8.47
C TYR B 168 10.47 -5.13 -8.72
N LEU B 169 9.78 -5.68 -7.71
CA LEU B 169 9.13 -6.99 -7.86
C LEU B 169 7.62 -6.89 -7.68
N PHE B 170 6.91 -7.87 -8.22
CA PHE B 170 5.48 -7.97 -8.06
C PHE B 170 5.07 -9.45 -8.11
N ILE B 171 3.77 -9.69 -7.95
CA ILE B 171 3.21 -11.04 -7.95
C ILE B 171 2.01 -11.09 -8.88
N THR B 172 1.94 -12.17 -9.64
CA THR B 172 0.82 -12.40 -10.55
C THR B 172 0.27 -13.83 -10.36
N THR B 173 -1.01 -14.03 -10.65
CA THR B 173 -1.59 -15.37 -10.75
C THR B 173 -1.03 -16.11 -11.95
N LYS B 174 -1.31 -17.40 -12.07
CA LYS B 174 -0.85 -18.21 -13.20
C LYS B 174 -1.47 -17.77 -14.53
N ASP B 175 -2.48 -16.91 -14.45
CA ASP B 175 -3.12 -16.35 -15.63
C ASP B 175 -2.81 -14.85 -15.83
N GLY B 176 -1.78 -14.35 -15.15
CA GLY B 176 -1.35 -12.98 -15.36
C GLY B 176 -2.14 -11.91 -14.63
N VAL B 177 -2.97 -12.28 -13.67
CA VAL B 177 -3.68 -11.28 -12.89
C VAL B 177 -2.75 -10.80 -11.77
N THR B 178 -2.58 -9.50 -11.65
CA THR B 178 -1.70 -8.98 -10.62
C THR B 178 -2.27 -9.29 -9.23
N ILE B 179 -1.43 -9.84 -8.37
CA ILE B 179 -1.79 -10.12 -6.98
C ILE B 179 -1.23 -9.02 -6.07
N ALA B 180 -0.01 -8.58 -6.35
CA ALA B 180 0.60 -7.55 -5.53
C ALA B 180 1.56 -6.76 -6.37
N HIS B 181 1.50 -5.45 -6.20
CA HIS B 181 2.32 -4.52 -6.95
C HIS B 181 2.64 -3.34 -6.03
N PRO B 182 3.85 -2.79 -6.13
CA PRO B 182 4.17 -1.58 -5.34
C PRO B 182 3.07 -0.51 -5.47
N ASN B 183 2.48 -0.40 -6.65
CA ASN B 183 1.34 0.45 -6.86
C ASN B 183 0.04 -0.34 -6.75
N ALA B 184 -0.66 -0.18 -5.64
CA ALA B 184 -1.87 -0.96 -5.35
C ALA B 184 -2.97 -0.90 -6.42
N GLU B 185 -3.02 0.18 -7.19
CA GLU B 185 -4.02 0.30 -8.26
C GLU B 185 -3.91 -0.82 -9.32
N ASN B 186 -2.72 -1.39 -9.48
CA ASN B 186 -2.54 -2.51 -10.41
C ASN B 186 -3.16 -3.84 -9.95
N ASN B 187 -3.40 -3.97 -8.65
CA ASN B 187 -3.89 -5.24 -8.11
C ASN B 187 -5.21 -5.66 -8.77
N GLY B 188 -5.22 -6.87 -9.32
CA GLY B 188 -6.43 -7.40 -9.91
C GLY B 188 -6.55 -7.07 -11.39
N GLU B 189 -5.61 -6.30 -11.91
CA GLU B 189 -5.55 -6.03 -13.34
C GLU B 189 -4.50 -6.94 -13.94
N LYS B 190 -4.68 -7.32 -15.20
CA LYS B 190 -3.66 -8.09 -15.89
C LYS B 190 -2.37 -7.30 -15.87
N PHE B 191 -1.24 -8.00 -15.73
CA PHE B 191 0.03 -7.32 -15.52
C PHE B 191 0.51 -6.58 -16.77
N SER B 192 -0.04 -6.94 -17.93
CA SER B 192 0.40 -6.33 -19.19
C SER B 192 0.02 -4.85 -19.25
N GLN B 193 -0.88 -4.43 -18.36
CA GLN B 193 -1.28 -3.04 -18.28
C GLN B 193 -0.14 -2.16 -17.80
N PHE B 194 0.75 -2.73 -16.99
CA PHE B 194 1.92 -1.98 -16.55
C PHE B 194 3.18 -2.57 -17.14
N LEU B 195 3.06 -3.72 -17.80
CA LEU B 195 4.21 -4.39 -18.40
C LEU B 195 3.85 -5.07 -19.72
N PRO B 196 3.71 -4.27 -20.78
CA PRO B 196 3.29 -4.77 -22.10
C PRO B 196 4.42 -5.52 -22.79
N ASN B 197 4.09 -6.31 -23.82
CA ASN B 197 5.08 -7.01 -24.64
C ASN B 197 5.86 -8.11 -23.92
N VAL B 198 5.20 -8.80 -22.98
CA VAL B 198 5.86 -9.82 -22.16
C VAL B 198 4.99 -11.04 -21.91
N ASP B 199 5.52 -12.23 -22.17
CA ASP B 199 4.81 -13.48 -21.96
C ASP B 199 5.03 -13.96 -20.52
N LEU B 200 4.02 -14.60 -19.95
CA LEU B 200 4.15 -15.13 -18.60
C LEU B 200 4.75 -16.52 -18.68
N LYS B 201 6.03 -16.62 -18.34
CA LYS B 201 6.71 -17.91 -18.36
C LYS B 201 7.89 -17.87 -17.41
N GLU B 202 8.21 -19.02 -16.83
CA GLU B 202 9.38 -19.15 -15.99
C GLU B 202 10.65 -18.69 -16.73
N GLY B 203 11.52 -17.96 -16.02
CA GLY B 203 12.79 -17.57 -16.61
C GLY B 203 12.91 -16.07 -16.85
N THR B 204 13.76 -15.72 -17.81
CA THR B 204 14.08 -14.30 -18.06
C THR B 204 13.83 -13.87 -19.49
N GLN B 205 13.02 -12.84 -19.65
CA GLN B 205 12.82 -12.24 -20.96
C GLN B 205 13.52 -10.91 -21.04
N ARG B 206 14.12 -10.64 -22.20
CA ARG B 206 14.71 -9.33 -22.46
C ARG B 206 13.79 -8.54 -23.39
N ILE B 207 13.32 -7.39 -22.92
CA ILE B 207 12.39 -6.57 -23.72
C ILE B 207 12.81 -5.10 -23.85
N GLU B 208 12.16 -4.41 -24.76
CA GLU B 208 12.37 -2.98 -24.85
C GLU B 208 11.05 -2.23 -24.79
N LEU B 209 10.98 -1.28 -23.86
CA LEU B 209 9.82 -0.43 -23.68
C LEU B 209 10.29 1.02 -23.68
N ASP B 210 9.72 1.83 -24.56
CA ASP B 210 10.14 3.23 -24.76
C ASP B 210 11.66 3.40 -24.81
N GLY B 211 12.27 2.83 -25.85
CA GLY B 211 13.68 3.01 -26.15
C GLY B 211 14.66 2.56 -25.09
N LYS B 212 14.29 1.56 -24.31
CA LYS B 212 15.10 1.13 -23.17
C LYS B 212 15.04 -0.38 -22.96
N TYR B 213 16.15 -0.99 -22.55
CA TYR B 213 16.22 -2.45 -22.40
C TYR B 213 16.06 -2.90 -20.95
N TYR B 214 15.10 -3.79 -20.72
CA TYR B 214 14.82 -4.29 -19.38
C TYR B 214 14.87 -5.82 -19.30
N LEU B 215 15.22 -6.33 -18.11
CA LEU B 215 15.12 -7.74 -17.80
C LEU B 215 13.83 -8.05 -17.01
N VAL B 216 13.00 -8.94 -17.55
CA VAL B 216 11.84 -9.41 -16.81
C VAL B 216 12.03 -10.88 -16.44
N LYS B 217 12.10 -11.14 -15.14
CA LYS B 217 12.27 -12.51 -14.68
C LYS B 217 11.04 -12.99 -13.90
N PHE B 218 10.61 -14.22 -14.17
CA PHE B 218 9.49 -14.84 -13.44
C PHE B 218 9.96 -16.12 -12.76
N ALA B 219 9.67 -16.25 -11.47
CA ALA B 219 9.80 -17.53 -10.76
C ALA B 219 8.47 -17.94 -10.17
N GLN B 220 8.03 -19.15 -10.49
CA GLN B 220 6.76 -19.64 -9.96
C GLN B 220 6.86 -20.14 -8.52
N VAL B 221 5.78 -19.88 -7.78
CA VAL B 221 5.56 -20.36 -6.43
C VAL B 221 4.68 -21.61 -6.48
N PRO B 222 5.28 -22.81 -6.37
CA PRO B 222 4.55 -24.08 -6.59
C PRO B 222 3.31 -24.30 -5.69
N SER B 223 3.26 -23.69 -4.51
CA SER B 223 2.11 -23.85 -3.62
C SER B 223 0.86 -23.49 -4.40
N GLU B 224 0.86 -22.27 -4.94
CA GLU B 224 -0.34 -21.70 -5.54
C GLU B 224 -0.23 -21.44 -7.03
N SER B 225 0.95 -21.72 -7.58
CA SER B 225 1.24 -21.49 -8.99
C SER B 225 1.19 -20.01 -9.34
N TRP B 226 1.33 -19.15 -8.32
CA TRP B 226 1.66 -17.73 -8.50
C TRP B 226 3.02 -17.56 -9.19
N TYR B 227 3.25 -16.43 -9.86
CA TYR B 227 4.61 -16.07 -10.24
C TYR B 227 5.08 -14.84 -9.48
N ILE B 228 6.33 -14.89 -9.04
CA ILE B 228 7.08 -13.69 -8.65
C ILE B 228 7.63 -13.09 -9.93
N GLY B 229 7.37 -11.81 -10.15
CA GLY B 229 7.91 -11.11 -11.30
C GLY B 229 8.89 -10.05 -10.84
N ALA B 230 10.01 -9.92 -11.54
CA ALA B 230 10.97 -8.84 -11.27
C ALA B 230 11.27 -8.08 -12.54
N VAL B 231 11.19 -6.76 -12.48
CA VAL B 231 11.56 -5.93 -13.62
C VAL B 231 12.83 -5.15 -13.30
N VAL B 232 13.83 -5.28 -14.18
CA VAL B 232 15.16 -4.74 -13.95
C VAL B 232 15.65 -3.93 -15.15
N ASP B 233 16.11 -2.71 -14.89
CA ASP B 233 16.69 -1.85 -15.92
C ASP B 233 18.10 -2.34 -16.17
N GLU B 234 18.33 -3.03 -17.29
CA GLU B 234 19.59 -3.76 -17.44
C GLU B 234 20.78 -2.83 -17.48
N SER B 235 20.61 -1.65 -18.07
CA SER B 235 21.68 -0.65 -18.06
C SER B 235 22.05 -0.23 -16.63
N ILE B 236 21.05 -0.03 -15.77
CA ILE B 236 21.36 0.29 -14.38
C ILE B 236 22.05 -0.90 -13.71
N ALA B 237 21.49 -2.10 -13.88
CA ALA B 237 22.03 -3.30 -13.26
C ALA B 237 23.45 -3.58 -13.76
N PHE B 238 23.67 -3.43 -15.06
CA PHE B 238 25.02 -3.63 -15.62
C PHE B 238 25.97 -2.62 -15.00
N ALA B 239 25.59 -1.35 -15.03
CA ALA B 239 26.43 -0.28 -14.52
C ALA B 239 26.71 -0.44 -13.03
N MET B 240 25.71 -0.90 -12.27
CA MET B 240 25.86 -1.09 -10.83
C MET B 240 26.91 -2.16 -10.55
N VAL B 241 26.85 -3.26 -11.29
CA VAL B 241 27.82 -4.35 -11.21
C VAL B 241 29.21 -3.87 -11.65
N ASP B 242 29.24 -3.10 -12.73
CA ASP B 242 30.47 -2.52 -13.23
C ASP B 242 31.13 -1.68 -12.14
N ASP B 243 30.31 -1.01 -11.33
CA ASP B 243 30.80 -0.22 -10.20
C ASP B 243 31.49 -1.09 -9.16
N LEU B 244 30.94 -2.27 -8.91
CA LEU B 244 31.53 -3.21 -7.97
C LEU B 244 32.95 -3.59 -8.43
N ARG B 245 33.18 -3.60 -9.75
CA ARG B 245 34.53 -3.74 -10.28
C ARG B 245 35.40 -2.60 -9.79
N SER C . 13.76 19.80 2.34
CA SER C . 15.06 19.60 1.70
C SER C . 16.09 18.98 2.63
O SER C . 15.90 18.91 3.84
CB SER C . 15.60 20.91 1.14
OG SER C . 15.71 21.90 2.14
OXT SER C . 17.13 18.49 2.18
CA CA D . 18.15 30.05 -1.01
C TRS E . 9.08 5.27 -0.61
C1 TRS E . 8.90 5.88 0.78
C2 TRS E . 10.24 5.96 -1.31
C3 TRS E . 7.84 5.36 -1.48
N TRS E . 9.36 3.83 -0.49
O1 TRS E . 7.90 5.17 1.49
O2 TRS E . 9.99 7.35 -1.40
O3 TRS E . 8.14 4.65 -2.67
N SER F . -14.30 -11.06 1.94
CA SER F . -15.58 -11.75 2.12
C SER F . -16.47 -11.52 0.90
O SER F . -17.36 -12.32 0.62
CB SER F . -16.29 -11.28 3.40
OG SER F . -16.67 -9.91 3.35
OXT SER F . -16.29 -10.57 0.16
CA CA G . -19.54 -8.09 11.55
C TRS H . -7.36 -22.18 -7.43
C1 TRS H . -6.83 -21.05 -8.31
C2 TRS H . -7.77 -21.64 -6.07
C3 TRS H . -6.32 -23.27 -7.24
N TRS H . -8.48 -22.80 -8.12
O1 TRS H . -7.90 -20.19 -8.61
O2 TRS H . -9.15 -21.76 -5.86
O3 TRS H . -6.93 -24.25 -6.44
#